data_5LDV
#
_entry.id   5LDV
#
_cell.length_a   90.630
_cell.length_b   90.630
_cell.length_c   104.400
_cell.angle_alpha   90.00
_cell.angle_beta   90.00
_cell.angle_gamma   120.00
#
_symmetry.space_group_name_H-M   'P 63'
#
loop_
_entity.id
_entity.type
_entity.pdbx_description
1 polymer 'MOMP porin'
2 non-polymer 'CALCIUM ION'
3 non-polymer 'PENTAETHYLENE GLYCOL'
4 non-polymer N-OCTANE
5 water water
#
_entity_poly.entity_id   1
_entity_poly.type   'polypeptide(L)'
_entity_poly.pdbx_seq_one_letter_code
;GAMGPLEEAIKDVDVSGVLRYRYDTGNFDKNFLNNSNLNNSKQDHKYRAQVNFSAAIADNFKAFVQFDYNAVDGGTGVDN
ATNAEKGLFVRQLYLTYTNEDVATSVIAGKQQLNIIWTDNGVDGLVGTGVKVVNNSIDGLTLAAFAVDSFMAAEQGSDLL
GQSTYVGNGKNNNDSFKLDSIGNLYGAAAVGSYDLAGGQFNPQLWLAYWDQVAFFYAVDAAYSTTIFDGINWTLEGAYLG
NSLDSELDDKKTYANGNLFALKGSIEVNGWDASLGGLYYGDKEKASTVVIEDQGNLGSLLAGEEIFYTTGSRLNGDTGRN
IFGYVTGGYTFNETVRVGADFVYGGTKTEATTHLGGGKKLEAVARVDYKYSPKLNFSAFYSYVNLDQGVNTNESADHSTV
RLQALYKF
;
_entity_poly.pdbx_strand_id   A
#
# COMPACT_ATOMS: atom_id res chain seq x y z
N GLY A 1 36.31 10.61 25.66
CA GLY A 1 35.27 10.32 26.69
C GLY A 1 35.27 8.85 27.04
N ALA A 2 34.67 8.51 28.17
CA ALA A 2 34.57 7.11 28.59
C ALA A 2 33.65 6.31 27.65
N MET A 3 33.90 5.01 27.60
CA MET A 3 33.16 4.12 26.72
CA MET A 3 33.20 4.10 26.71
C MET A 3 32.86 2.84 27.50
N GLY A 4 31.62 2.39 27.43
CA GLY A 4 31.20 1.20 28.15
C GLY A 4 31.15 0.03 27.18
N PRO A 5 31.11 -1.19 27.71
CA PRO A 5 31.08 -2.37 26.87
C PRO A 5 29.86 -2.42 25.98
N LEU A 6 30.10 -2.80 24.73
CA LEU A 6 29.05 -2.99 23.78
C LEU A 6 28.04 -3.98 24.31
N GLU A 7 28.53 -5.00 25.01
CA GLU A 7 27.65 -6.03 25.56
C GLU A 7 26.64 -5.47 26.57
N GLU A 8 27.01 -4.40 27.26
CA GLU A 8 26.09 -3.74 28.20
C GLU A 8 25.12 -2.87 27.45
N ALA A 9 25.65 -2.17 26.45
CA ALA A 9 24.88 -1.21 25.71
C ALA A 9 23.70 -1.86 24.95
N ILE A 10 23.91 -3.05 24.40
CA ILE A 10 22.87 -3.74 23.62
C ILE A 10 21.69 -4.22 24.46
N LYS A 11 21.90 -4.36 25.78
CA LYS A 11 20.81 -4.81 26.67
C LYS A 11 19.65 -3.85 26.66
N ASP A 12 19.94 -2.61 26.32
CA ASP A 12 18.92 -1.60 26.26
C ASP A 12 18.07 -1.61 24.95
N VAL A 13 18.34 -2.54 24.03
CA VAL A 13 17.94 -2.35 22.63
C VAL A 13 17.13 -3.51 22.09
N ASP A 14 16.00 -3.21 21.45
CA ASP A 14 15.19 -4.20 20.75
C ASP A 14 15.37 -4.04 19.25
N VAL A 15 15.15 -5.13 18.53
CA VAL A 15 15.45 -5.16 17.13
C VAL A 15 14.38 -5.94 16.38
N SER A 16 14.14 -5.56 15.14
CA SER A 16 13.29 -6.31 14.28
C SER A 16 13.74 -5.96 12.87
N GLY A 17 13.16 -6.62 11.88
CA GLY A 17 13.50 -6.32 10.50
C GLY A 17 12.94 -7.27 9.47
N VAL A 18 13.30 -6.99 8.21
CA VAL A 18 12.84 -7.74 7.06
C VAL A 18 13.96 -7.89 6.04
N LEU A 19 14.02 -9.07 5.43
CA LEU A 19 14.90 -9.33 4.28
CA LEU A 19 14.89 -9.30 4.29
C LEU A 19 14.04 -9.91 3.19
N ARG A 20 13.99 -9.24 2.04
CA ARG A 20 13.13 -9.63 0.94
C ARG A 20 13.90 -9.69 -0.37
N TYR A 21 13.81 -10.83 -1.04
CA TYR A 21 14.30 -11.01 -2.39
C TYR A 21 13.12 -11.20 -3.33
N ARG A 22 13.12 -10.46 -4.44
CA ARG A 22 12.16 -10.69 -5.51
C ARG A 22 12.87 -10.87 -6.82
N TYR A 23 12.41 -11.85 -7.58
CA TYR A 23 12.78 -11.98 -8.96
C TYR A 23 11.52 -11.73 -9.77
N ASP A 24 11.47 -10.59 -10.46
CA ASP A 24 10.31 -10.14 -11.22
C ASP A 24 10.62 -10.07 -12.73
N THR A 25 9.64 -10.51 -13.53
CA THR A 25 9.63 -10.32 -14.97
C THR A 25 8.25 -9.87 -15.38
N GLY A 26 8.16 -8.73 -16.06
CA GLY A 26 6.90 -8.19 -16.59
C GLY A 26 6.99 -7.94 -18.08
N ASN A 27 6.22 -8.70 -18.88
CA ASN A 27 6.18 -8.51 -20.34
C ASN A 27 4.92 -7.78 -20.81
N PHE A 28 5.01 -7.07 -21.93
CA PHE A 28 3.91 -6.30 -22.49
C PHE A 28 3.90 -6.48 -23.99
N ASP A 29 2.75 -6.81 -24.56
CA ASP A 29 2.69 -6.77 -26.01
C ASP A 29 2.57 -5.31 -26.45
N LYS A 30 2.83 -5.09 -27.73
CA LYS A 30 2.91 -3.77 -28.34
C LYS A 30 1.70 -2.85 -28.04
N ASN A 31 0.50 -3.41 -27.96
CA ASN A 31 -0.72 -2.64 -27.79
C ASN A 31 -1.07 -2.27 -26.33
N PHE A 32 -0.24 -2.68 -25.35
CA PHE A 32 -0.56 -2.41 -23.95
C PHE A 32 -0.27 -0.98 -23.50
N LEU A 33 -1.19 -0.40 -22.76
CA LEU A 33 -1.00 0.94 -22.19
C LEU A 33 -0.07 0.91 -20.99
N ASN A 34 1.18 1.30 -21.19
CA ASN A 34 2.18 1.24 -20.14
C ASN A 34 2.23 2.54 -19.32
N ASN A 35 2.77 2.47 -18.10
CA ASN A 35 2.84 3.66 -17.25
C ASN A 35 3.93 3.52 -16.16
N SER A 36 4.09 4.50 -15.27
CA SER A 36 5.16 4.49 -14.27
C SER A 36 4.88 3.48 -13.13
N ASN A 37 3.74 2.82 -13.12
CA ASN A 37 3.39 1.98 -11.97
C ASN A 37 3.28 0.49 -12.27
N LEU A 38 3.08 0.15 -13.53
CA LEU A 38 3.04 -1.25 -13.94
C LEU A 38 4.43 -1.86 -13.84
N ASN A 39 4.49 -3.18 -13.72
CA ASN A 39 5.74 -3.85 -13.45
C ASN A 39 6.48 -4.06 -14.74
N ASN A 40 7.60 -3.36 -14.88
CA ASN A 40 8.40 -3.35 -16.11
C ASN A 40 9.75 -4.03 -15.89
N SER A 41 9.85 -4.79 -14.80
CA SER A 41 11.03 -5.57 -14.50
C SER A 41 11.38 -6.54 -15.63
N LYS A 42 12.66 -6.68 -15.91
CA LYS A 42 13.17 -7.66 -16.86
C LYS A 42 14.16 -8.59 -16.17
N GLN A 43 13.65 -9.62 -15.49
CA GLN A 43 14.48 -10.59 -14.78
C GLN A 43 15.42 -9.89 -13.81
N ASP A 44 14.88 -8.93 -13.07
CA ASP A 44 15.60 -8.19 -12.07
C ASP A 44 15.65 -8.95 -10.74
N HIS A 45 16.80 -8.92 -10.08
CA HIS A 45 16.99 -9.41 -8.74
C HIS A 45 16.85 -8.19 -7.82
N LYS A 46 15.80 -8.17 -7.02
CA LYS A 46 15.50 -7.01 -6.18
C LYS A 46 15.69 -7.40 -4.75
N TYR A 47 16.43 -6.58 -4.01
CA TYR A 47 16.67 -6.83 -2.57
C TYR A 47 16.11 -5.65 -1.80
N ARG A 48 15.39 -5.94 -0.74
CA ARG A 48 14.95 -4.88 0.19
C ARG A 48 15.21 -5.41 1.57
N ALA A 49 16.01 -4.69 2.35
CA ALA A 49 16.29 -5.07 3.74
C ALA A 49 16.02 -3.90 4.64
N GLN A 50 15.41 -4.15 5.79
CA GLN A 50 15.22 -3.13 6.80
C GLN A 50 15.55 -3.68 8.15
N VAL A 51 16.29 -2.93 8.96
CA VAL A 51 16.56 -3.34 10.34
C VAL A 51 16.19 -2.17 11.23
N ASN A 52 15.34 -2.46 12.19
CA ASN A 52 14.78 -1.47 13.11
C ASN A 52 15.33 -1.69 14.50
N PHE A 53 15.81 -0.61 15.13
CA PHE A 53 16.31 -0.63 16.49
C PHE A 53 15.51 0.36 17.33
N SER A 54 15.18 -0.09 18.53
CA SER A 54 14.47 0.74 19.50
C SER A 54 15.17 0.65 20.82
N ALA A 55 15.58 1.79 21.38
CA ALA A 55 16.36 1.77 22.61
C ALA A 55 15.68 2.60 23.67
N ALA A 56 15.54 2.05 24.87
CA ALA A 56 15.03 2.79 26.02
C ALA A 56 16.16 3.73 26.44
N ILE A 57 15.91 5.02 26.32
N ILE A 57 15.99 5.04 26.29
CA ILE A 57 16.91 6.05 26.46
CA ILE A 57 17.10 5.95 26.56
C ILE A 57 16.95 6.62 27.87
C ILE A 57 16.98 6.65 27.92
N ALA A 58 15.77 6.80 28.43
CA ALA A 58 15.56 7.38 29.73
C ALA A 58 14.17 6.94 30.20
N ASP A 59 13.82 7.26 31.43
CA ASP A 59 12.48 6.95 31.92
C ASP A 59 11.46 7.53 30.94
N ASN A 60 10.59 6.66 30.42
CA ASN A 60 9.48 7.06 29.55
C ASN A 60 9.87 7.47 28.14
N PHE A 61 11.16 7.35 27.77
CA PHE A 61 11.65 7.73 26.43
C PHE A 61 12.31 6.59 25.66
N LYS A 62 11.99 6.50 24.37
CA LYS A 62 12.59 5.53 23.48
C LYS A 62 13.09 6.26 22.27
N ALA A 63 14.17 5.80 21.69
CA ALA A 63 14.60 6.28 20.39
C ALA A 63 14.57 5.11 19.44
N PHE A 64 14.19 5.39 18.20
CA PHE A 64 13.97 4.41 17.17
C PHE A 64 14.72 4.83 15.95
N VAL A 65 15.32 3.86 15.27
CA VAL A 65 15.94 4.10 14.00
C VAL A 65 15.70 2.91 13.07
N GLN A 66 15.48 3.24 11.80
CA GLN A 66 15.36 2.24 10.75
C GLN A 66 16.42 2.50 9.68
N PHE A 67 17.20 1.47 9.39
CA PHE A 67 18.14 1.41 8.28
C PHE A 67 17.54 0.60 7.13
N ASP A 68 17.69 1.11 5.91
CA ASP A 68 17.09 0.56 4.71
C ASP A 68 18.12 0.38 3.60
N TYR A 69 18.03 -0.79 2.96
CA TYR A 69 18.82 -1.15 1.79
C TYR A 69 17.84 -1.54 0.73
N ASN A 70 17.90 -0.89 -0.42
CA ASN A 70 16.92 -1.03 -1.46
C ASN A 70 17.71 -1.02 -2.76
N ALA A 71 17.87 -2.19 -3.38
CA ALA A 71 18.81 -2.35 -4.48
C ALA A 71 18.33 -3.37 -5.52
N VAL A 72 18.81 -3.19 -6.75
CA VAL A 72 18.47 -4.09 -7.86
C VAL A 72 19.73 -4.54 -8.62
N ASP A 73 19.85 -5.83 -8.87
CA ASP A 73 20.85 -6.37 -9.78
C ASP A 73 20.07 -6.76 -11.06
N GLY A 74 20.41 -6.16 -12.20
CA GLY A 74 19.73 -6.44 -13.47
C GLY A 74 20.04 -7.84 -13.95
N GLY A 75 19.04 -8.52 -14.50
CA GLY A 75 19.23 -9.88 -15.01
C GLY A 75 19.86 -9.91 -16.38
N THR A 76 19.09 -9.47 -17.37
CA THR A 76 19.47 -9.63 -18.79
C THR A 76 20.10 -8.38 -19.41
N GLY A 77 21.01 -8.61 -20.36
CA GLY A 77 21.69 -7.52 -21.06
C GLY A 77 22.65 -6.74 -20.17
N ALA A 81 23.58 -4.90 -17.77
CA ALA A 81 23.17 -5.47 -16.49
C ALA A 81 23.95 -4.88 -15.31
N THR A 82 23.27 -4.07 -14.50
CA THR A 82 23.88 -3.49 -13.31
C THR A 82 24.09 -4.51 -12.18
N ASN A 83 25.00 -4.18 -11.27
CA ASN A 83 25.13 -4.92 -10.05
C ASN A 83 25.30 -3.89 -8.94
N ALA A 84 24.23 -3.68 -8.17
CA ALA A 84 24.14 -2.54 -7.25
C ALA A 84 25.27 -2.49 -6.22
N GLU A 85 25.85 -1.30 -6.06
CA GLU A 85 26.83 -0.98 -5.02
C GLU A 85 26.26 0.14 -4.13
N LYS A 86 25.44 -0.22 -3.14
CA LYS A 86 24.70 0.76 -2.30
C LYS A 86 24.87 0.39 -0.84
N GLY A 87 24.77 1.41 0.02
CA GLY A 87 24.77 1.23 1.45
C GLY A 87 23.39 1.33 2.04
N LEU A 88 23.32 1.59 3.33
CA LEU A 88 22.07 1.65 4.07
C LEU A 88 21.84 3.11 4.37
N PHE A 89 20.58 3.51 4.37
CA PHE A 89 20.24 4.87 4.72
C PHE A 89 19.31 4.88 5.92
N VAL A 90 19.35 6.00 6.66
CA VAL A 90 18.50 6.16 7.82
C VAL A 90 17.15 6.57 7.30
N ARG A 91 16.22 5.64 7.37
CA ARG A 91 14.92 5.82 6.79
C ARG A 91 13.89 6.34 7.81
N GLN A 92 14.08 5.96 9.08
CA GLN A 92 13.28 6.49 10.18
C GLN A 92 14.20 6.82 11.34
N LEU A 93 13.86 7.86 12.08
CA LEU A 93 14.62 8.29 13.21
C LEU A 93 13.66 9.10 14.07
N TYR A 94 13.27 8.58 15.23
CA TYR A 94 12.32 9.30 16.07
C TYR A 94 12.35 8.99 17.56
N LEU A 95 11.70 9.86 18.32
CA LEU A 95 11.65 9.80 19.76
C LEU A 95 10.22 9.51 20.15
N THR A 96 10.06 8.68 21.18
CA THR A 96 8.76 8.31 21.70
C THR A 96 8.75 8.61 23.20
N TYR A 97 7.78 9.40 23.61
CA TYR A 97 7.56 9.67 25.02
C TYR A 97 6.23 9.00 25.40
N THR A 98 6.25 8.30 26.52
CA THR A 98 5.08 7.55 26.97
C THR A 98 4.75 7.88 28.40
N ASN A 99 3.57 8.44 28.59
CA ASN A 99 3.03 8.65 29.90
C ASN A 99 1.98 7.56 30.21
N GLU A 100 2.40 6.57 31.00
CA GLU A 100 1.56 5.41 31.32
C GLU A 100 0.29 5.77 32.11
N ASP A 101 0.38 6.79 32.96
CA ASP A 101 -0.76 7.23 33.78
C ASP A 101 -2.00 7.61 32.97
N VAL A 102 -1.82 8.08 31.74
CA VAL A 102 -2.95 8.43 30.89
C VAL A 102 -2.90 7.69 29.54
N ALA A 103 -2.23 6.54 29.53
CA ALA A 103 -2.22 5.67 28.37
C ALA A 103 -1.94 6.43 27.05
N THR A 104 -1.06 7.43 27.10
CA THR A 104 -0.80 8.31 25.95
C THR A 104 0.70 8.35 25.59
N SER A 105 0.98 8.36 24.29
CA SER A 105 2.34 8.45 23.75
C SER A 105 2.43 9.57 22.75
N VAL A 106 3.59 10.20 22.69
CA VAL A 106 3.89 11.25 21.71
C VAL A 106 5.10 10.77 20.93
N ILE A 107 4.96 10.70 19.60
CA ILE A 107 5.99 10.20 18.72
C ILE A 107 6.42 11.35 17.80
N ALA A 108 7.68 11.77 17.90
CA ALA A 108 8.18 12.90 17.11
C ALA A 108 9.47 12.55 16.31
N GLY A 109 9.45 12.89 15.01
CA GLY A 109 10.60 12.80 14.13
C GLY A 109 10.23 12.16 12.78
N LYS A 110 11.23 11.59 12.14
CA LYS A 110 11.10 11.00 10.79
C LYS A 110 10.54 9.59 10.96
N GLN A 111 9.31 9.37 10.50
CA GLN A 111 8.59 8.15 10.83
C GLN A 111 7.72 7.69 9.66
N GLN A 112 7.61 6.37 9.51
CA GLN A 112 6.68 5.87 8.52
C GLN A 112 5.27 6.28 8.97
N LEU A 113 4.50 6.85 8.06
CA LEU A 113 3.25 7.48 8.47
C LEU A 113 2.17 6.51 8.90
N ASN A 114 2.02 5.43 8.16
CA ASN A 114 1.06 4.36 8.48
C ASN A 114 -0.33 4.88 8.71
N ILE A 115 -0.82 5.60 7.71
CA ILE A 115 -2.18 6.05 7.77
C ILE A 115 -2.97 5.25 6.73
N ILE A 116 -4.28 5.40 6.72
CA ILE A 116 -5.09 4.59 5.83
C ILE A 116 -4.78 4.89 4.35
N TRP A 117 -4.32 6.11 4.03
CA TRP A 117 -4.03 6.50 2.65
C TRP A 117 -2.57 6.23 2.22
N THR A 118 -1.80 5.57 3.05
CA THR A 118 -0.42 5.18 2.69
C THR A 118 -0.19 3.71 2.94
N ASP A 119 0.83 3.17 2.29
CA ASP A 119 1.21 1.78 2.48
C ASP A 119 1.76 1.65 3.89
N ASN A 120 1.29 0.64 4.63
CA ASN A 120 1.75 0.42 5.99
C ASN A 120 2.83 -0.67 6.06
N GLY A 121 3.26 -1.17 4.91
CA GLY A 121 4.26 -2.25 4.85
C GLY A 121 5.68 -1.71 4.76
N VAL A 122 6.54 -2.51 4.15
CA VAL A 122 7.96 -2.20 4.00
C VAL A 122 8.20 -0.85 3.34
N ASP A 123 7.47 -0.58 2.27
CA ASP A 123 7.73 0.58 1.45
C ASP A 123 6.73 1.72 1.70
N GLY A 124 6.28 1.89 2.95
CA GLY A 124 5.34 2.98 3.25
C GLY A 124 5.96 4.39 3.26
N LEU A 125 5.15 5.34 2.86
CA LEU A 125 5.53 6.74 2.90
C LEU A 125 6.05 7.15 4.26
N VAL A 126 7.20 7.82 4.27
CA VAL A 126 7.78 8.38 5.47
C VAL A 126 7.64 9.89 5.43
N GLY A 127 7.46 10.48 6.60
CA GLY A 127 7.49 11.91 6.74
C GLY A 127 7.95 12.31 8.12
N THR A 128 8.08 13.61 8.33
CA THR A 128 8.58 14.10 9.57
C THR A 128 7.47 14.91 10.20
N GLY A 129 7.17 14.59 11.47
CA GLY A 129 6.16 15.30 12.21
C GLY A 129 5.95 14.71 13.58
N VAL A 130 4.73 14.92 14.08
CA VAL A 130 4.38 14.53 15.43
C VAL A 130 3.06 13.78 15.40
N LYS A 131 2.98 12.77 16.28
CA LYS A 131 1.84 11.93 16.47
C LYS A 131 1.56 11.76 17.96
N VAL A 132 0.30 11.92 18.36
CA VAL A 132 -0.14 11.65 19.72
C VAL A 132 -1.18 10.53 19.65
N VAL A 133 -0.96 9.48 20.43
CA VAL A 133 -1.74 8.26 20.42
C VAL A 133 -2.22 7.97 21.85
N ASN A 134 -3.53 7.76 22.00
CA ASN A 134 -4.15 7.48 23.27
C ASN A 134 -4.83 6.12 23.26
N ASN A 135 -4.58 5.33 24.30
CA ASN A 135 -5.17 4.00 24.40
C ASN A 135 -5.84 3.81 25.75
N SER A 136 -6.55 4.84 26.22
CA SER A 136 -7.23 4.81 27.50
C SER A 136 -8.41 3.83 27.48
N ILE A 137 -9.15 3.82 26.36
CA ILE A 137 -10.31 2.96 26.24
C ILE A 137 -9.89 1.63 25.64
N ASP A 138 -10.11 0.53 26.37
CA ASP A 138 -9.65 -0.78 25.90
C ASP A 138 -10.26 -1.12 24.54
N GLY A 139 -9.42 -1.56 23.61
CA GLY A 139 -9.84 -1.80 22.23
C GLY A 139 -9.70 -0.57 21.32
N LEU A 140 -9.71 0.63 21.89
CA LEU A 140 -9.75 1.86 21.10
C LEU A 140 -8.48 2.67 21.15
N THR A 141 -7.93 2.94 19.97
CA THR A 141 -6.78 3.79 19.78
C THR A 141 -7.25 5.09 19.15
N LEU A 142 -6.96 6.20 19.82
CA LEU A 142 -7.22 7.53 19.27
C LEU A 142 -5.88 8.18 18.97
N ALA A 143 -5.79 8.86 17.82
CA ALA A 143 -4.54 9.51 17.39
C ALA A 143 -4.81 10.85 16.70
N ALA A 144 -3.91 11.81 16.93
CA ALA A 144 -3.86 13.04 16.17
C ALA A 144 -2.42 13.15 15.63
N PHE A 145 -2.24 13.74 14.46
CA PHE A 145 -0.94 13.78 13.82
C PHE A 145 -0.82 15.03 12.99
N ALA A 146 0.44 15.47 12.82
CA ALA A 146 0.79 16.61 11.99
C ALA A 146 2.14 16.27 11.37
N VAL A 147 2.27 16.51 10.06
CA VAL A 147 3.42 16.12 9.28
C VAL A 147 3.85 17.34 8.51
N ASP A 148 5.14 17.73 8.57
CA ASP A 148 5.53 18.93 7.83
C ASP A 148 6.49 18.71 6.67
N SER A 149 6.92 17.47 6.50
CA SER A 149 7.67 17.15 5.29
C SER A 149 7.55 15.67 4.98
N PHE A 150 7.75 15.37 3.72
CA PHE A 150 7.58 14.04 3.19
C PHE A 150 8.85 13.57 2.51
N MET A 151 9.21 12.34 2.81
CA MET A 151 10.27 11.63 2.06
C MET A 151 9.73 11.15 0.69
N ALA A 152 9.61 12.12 -0.21
CA ALA A 152 8.93 11.92 -1.51
C ALA A 152 9.81 11.18 -2.50
N ALA A 153 11.08 11.52 -2.52
CA ALA A 153 11.95 10.99 -3.55
C ALA A 153 12.02 9.46 -3.51
N GLU A 154 12.09 8.88 -2.31
CA GLU A 154 12.20 7.44 -2.19
C GLU A 154 11.00 6.75 -2.83
N GLN A 155 9.83 7.35 -2.77
CA GLN A 155 8.59 6.72 -3.26
C GLN A 155 8.40 6.78 -4.77
N GLY A 156 9.07 7.69 -5.46
CA GLY A 156 8.87 7.92 -6.90
C GLY A 156 7.40 7.92 -7.27
N SER A 157 7.05 7.07 -8.23
CA SER A 157 5.70 7.04 -8.78
C SER A 157 4.61 6.52 -7.84
N ASP A 158 4.96 6.00 -6.66
CA ASP A 158 3.94 5.65 -5.66
C ASP A 158 3.21 6.87 -5.10
N LEU A 159 3.89 8.02 -5.06
CA LEU A 159 3.30 9.20 -4.45
C LEU A 159 2.40 9.98 -5.40
N LEU A 160 1.25 10.38 -4.88
CA LEU A 160 0.34 11.25 -5.63
C LEU A 160 1.09 12.41 -6.24
N GLY A 161 0.87 12.65 -7.52
CA GLY A 161 1.53 13.75 -8.20
C GLY A 161 2.84 13.39 -8.88
N GLN A 162 3.35 12.19 -8.62
CA GLN A 162 4.65 11.76 -9.16
C GLN A 162 4.53 10.61 -10.17
N SER A 163 3.30 10.24 -10.57
CA SER A 163 3.08 9.19 -11.55
C SER A 163 2.79 9.73 -12.93
N THR A 164 3.05 8.91 -13.92
CA THR A 164 2.88 9.29 -15.30
C THR A 164 2.27 8.14 -16.07
N TYR A 165 1.84 8.42 -17.28
CA TYR A 165 1.42 7.37 -18.17
C TYR A 165 1.79 7.70 -19.61
N VAL A 166 1.90 6.67 -20.44
CA VAL A 166 2.23 6.82 -21.84
C VAL A 166 0.92 7.03 -22.62
N GLY A 167 0.94 7.94 -23.58
CA GLY A 167 -0.21 8.18 -24.48
C GLY A 167 -0.14 9.50 -25.27
N ASN A 168 -0.84 9.54 -26.40
CA ASN A 168 -0.89 10.75 -27.28
C ASN A 168 0.50 11.27 -27.65
N GLY A 169 1.39 10.36 -28.04
CA GLY A 169 2.76 10.74 -28.46
C GLY A 169 3.68 11.18 -27.33
N LYS A 170 3.30 10.90 -26.09
CA LYS A 170 4.07 11.37 -24.94
C LYS A 170 4.26 10.21 -23.97
N ASN A 171 5.43 10.12 -23.35
CA ASN A 171 5.77 9.05 -22.43
C ASN A 171 5.56 9.38 -20.97
N ASN A 172 5.44 10.67 -20.68
CA ASN A 172 5.43 11.18 -19.31
C ASN A 172 4.22 12.08 -19.02
N ASN A 173 3.05 11.72 -19.52
CA ASN A 173 1.83 12.48 -19.18
C ASN A 173 1.61 12.35 -17.69
N ASP A 174 1.28 13.46 -17.09
CA ASP A 174 1.11 13.56 -15.66
C ASP A 174 -0.28 13.05 -15.30
N SER A 175 -0.35 12.00 -14.49
CA SER A 175 -1.63 11.39 -14.10
C SER A 175 -2.51 12.32 -13.27
N PHE A 176 -1.87 13.06 -12.38
CA PHE A 176 -2.52 13.93 -11.42
C PHE A 176 -1.51 14.99 -11.05
N LYS A 177 -1.61 16.15 -11.65
CA LYS A 177 -0.63 17.21 -11.54
C LYS A 177 -0.78 17.92 -10.20
N LEU A 178 0.32 17.96 -9.45
CA LEU A 178 0.39 18.62 -8.15
C LEU A 178 1.59 19.59 -8.15
N ASP A 179 1.31 20.89 -8.18
CA ASP A 179 2.36 21.93 -8.27
C ASP A 179 3.09 22.17 -6.95
N SER A 180 2.39 21.97 -5.83
CA SER A 180 3.00 21.93 -4.51
C SER A 180 2.08 21.29 -3.48
N ILE A 181 2.62 21.05 -2.31
CA ILE A 181 1.98 20.30 -1.24
C ILE A 181 2.30 20.97 0.10
N GLY A 182 1.37 20.90 1.03
CA GLY A 182 1.54 21.55 2.31
C GLY A 182 1.67 20.51 3.40
N ASN A 183 1.48 20.97 4.62
CA ASN A 183 1.46 20.09 5.78
C ASN A 183 0.20 19.23 5.75
N LEU A 184 0.25 18.15 6.52
CA LEU A 184 -0.85 17.20 6.64
C LEU A 184 -1.18 17.11 8.11
N TYR A 185 -2.45 17.34 8.44
CA TYR A 185 -2.94 17.25 9.80
C TYR A 185 -4.09 16.27 9.77
N GLY A 186 -4.20 15.43 10.79
CA GLY A 186 -5.33 14.54 10.83
C GLY A 186 -5.50 13.86 12.16
N ALA A 187 -6.42 12.91 12.16
CA ALA A 187 -6.83 12.22 13.37
C ALA A 187 -7.45 10.91 12.94
N ALA A 188 -7.48 9.96 13.87
CA ALA A 188 -7.99 8.65 13.58
C ALA A 188 -8.53 8.03 14.83
N ALA A 189 -9.52 7.19 14.66
CA ALA A 189 -10.06 6.35 15.73
C ALA A 189 -10.08 4.96 15.16
N VAL A 190 -9.32 4.07 15.78
CA VAL A 190 -9.18 2.71 15.30
C VAL A 190 -9.55 1.76 16.43
N GLY A 191 -10.54 0.92 16.15
CA GLY A 191 -11.04 -0.02 17.13
C GLY A 191 -10.69 -1.46 16.81
N SER A 192 -10.40 -2.22 17.86
CA SER A 192 -10.34 -3.67 17.78
C SER A 192 -10.99 -4.25 19.01
N TYR A 193 -12.15 -4.86 18.83
CA TYR A 193 -12.94 -5.37 19.92
C TYR A 193 -13.15 -6.88 19.78
N ASP A 194 -12.66 -7.64 20.76
CA ASP A 194 -12.99 -9.06 20.85
C ASP A 194 -14.39 -9.21 21.40
N LEU A 195 -15.32 -9.55 20.50
CA LEU A 195 -16.69 -9.86 20.88
C LEU A 195 -16.79 -11.37 21.09
N ALA A 196 -17.98 -11.87 21.39
CA ALA A 196 -18.17 -13.31 21.61
C ALA A 196 -17.92 -14.13 20.33
N GLY A 197 -18.56 -13.76 19.23
CA GLY A 197 -18.44 -14.51 17.97
C GLY A 197 -17.14 -14.30 17.23
N GLY A 198 -16.45 -13.21 17.52
CA GLY A 198 -15.23 -12.87 16.82
C GLY A 198 -14.76 -11.48 17.15
N GLN A 199 -14.17 -10.80 16.16
CA GLN A 199 -13.49 -9.53 16.36
C GLN A 199 -13.96 -8.46 15.36
N PHE A 200 -14.25 -7.27 15.89
CA PHE A 200 -14.80 -6.16 15.09
C PHE A 200 -13.78 -5.05 15.07
N ASN A 201 -13.40 -4.64 13.86
CA ASN A 201 -12.38 -3.60 13.65
C ASN A 201 -12.88 -2.42 12.83
N PRO A 202 -13.55 -1.46 13.49
CA PRO A 202 -13.94 -0.22 12.81
C PRO A 202 -12.82 0.79 12.80
N GLN A 203 -12.72 1.58 11.73
CA GLN A 203 -11.78 2.70 11.70
C GLN A 203 -12.45 3.93 11.12
N LEU A 204 -12.08 5.07 11.69
CA LEU A 204 -12.37 6.37 11.11
C LEU A 204 -11.08 7.17 11.02
N TRP A 205 -10.84 7.73 9.82
CA TRP A 205 -9.69 8.54 9.54
C TRP A 205 -10.11 9.87 8.93
N LEU A 206 -9.60 10.97 9.45
CA LEU A 206 -9.78 12.31 8.86
C LEU A 206 -8.42 12.98 8.74
N ALA A 207 -8.21 13.70 7.63
CA ALA A 207 -6.96 14.39 7.40
C ALA A 207 -7.12 15.59 6.47
N TYR A 208 -6.51 16.71 6.86
CA TYR A 208 -6.43 17.86 5.99
C TYR A 208 -5.03 17.95 5.42
N TRP A 209 -4.90 17.75 4.13
CA TRP A 209 -3.61 17.94 3.45
C TRP A 209 -3.65 19.28 2.72
N ASP A 210 -3.05 20.29 3.34
CA ASP A 210 -3.03 21.64 2.82
C ASP A 210 -2.53 21.69 1.37
N GLN A 211 -3.24 22.47 0.55
CA GLN A 211 -3.03 22.58 -0.90
C GLN A 211 -3.50 21.36 -1.70
N VAL A 212 -3.88 20.27 -1.03
CA VAL A 212 -4.26 19.05 -1.77
C VAL A 212 -5.75 18.74 -1.55
N ALA A 213 -6.09 18.20 -0.39
CA ALA A 213 -7.48 17.90 -0.17
C ALA A 213 -7.76 17.61 1.29
N PHE A 214 -9.04 17.61 1.60
CA PHE A 214 -9.55 17.06 2.85
C PHE A 214 -9.96 15.60 2.61
N PHE A 215 -9.33 14.67 3.35
CA PHE A 215 -9.59 13.23 3.22
C PHE A 215 -10.40 12.69 4.39
N TYR A 216 -11.32 11.78 4.10
CA TYR A 216 -12.15 11.14 5.13
C TYR A 216 -12.44 9.71 4.70
N ALA A 217 -12.28 8.80 5.65
CA ALA A 217 -12.39 7.39 5.37
C ALA A 217 -13.04 6.68 6.53
N VAL A 218 -13.97 5.80 6.22
CA VAL A 218 -14.55 4.95 7.23
C VAL A 218 -14.46 3.53 6.71
N ASP A 219 -14.10 2.63 7.63
CA ASP A 219 -13.95 1.22 7.30
C ASP A 219 -14.54 0.45 8.47
N ALA A 220 -15.17 -0.68 8.18
CA ALA A 220 -15.56 -1.62 9.22
C ALA A 220 -15.27 -3.02 8.73
N ALA A 221 -14.56 -3.80 9.55
CA ALA A 221 -14.31 -5.22 9.30
C ALA A 221 -14.86 -6.08 10.45
N TYR A 222 -15.49 -7.21 10.11
CA TYR A 222 -15.86 -8.19 11.14
C TYR A 222 -15.35 -9.55 10.73
N SER A 223 -14.82 -10.29 11.70
CA SER A 223 -14.09 -11.53 11.48
C SER A 223 -14.40 -12.51 12.61
N THR A 224 -15.02 -13.65 12.28
CA THR A 224 -15.35 -14.66 13.28
C THR A 224 -14.13 -15.49 13.69
N THR A 225 -14.25 -16.19 14.80
CA THR A 225 -13.23 -17.16 15.22
C THR A 225 -13.87 -18.36 15.93
N ILE A 226 -14.45 -19.28 15.16
CA ILE A 226 -14.92 -20.56 15.69
C ILE A 226 -13.76 -21.57 15.69
N GLY A 229 -15.89 -24.48 12.69
CA GLY A 229 -15.58 -24.91 11.33
C GLY A 229 -15.44 -23.76 10.35
N ILE A 230 -16.58 -23.27 9.85
CA ILE A 230 -16.63 -22.23 8.84
C ILE A 230 -16.35 -20.85 9.45
N ASN A 231 -15.18 -20.27 9.12
CA ASN A 231 -14.81 -18.91 9.55
C ASN A 231 -15.01 -17.96 8.40
N TRP A 232 -15.46 -16.75 8.73
CA TRP A 232 -15.76 -15.80 7.67
C TRP A 232 -15.43 -14.40 8.12
N THR A 233 -15.26 -13.53 7.12
CA THR A 233 -14.99 -12.12 7.34
CA THR A 233 -14.99 -12.12 7.35
C THR A 233 -15.88 -11.30 6.42
N LEU A 234 -16.25 -10.12 6.87
CA LEU A 234 -16.94 -9.13 6.04
C LEU A 234 -16.31 -7.77 6.32
N GLU A 235 -16.04 -7.01 5.27
CA GLU A 235 -15.39 -5.73 5.43
C GLU A 235 -15.92 -4.78 4.38
N GLY A 236 -16.20 -3.57 4.83
CA GLY A 236 -16.68 -2.52 3.92
C GLY A 236 -15.89 -1.26 4.20
N ALA A 237 -15.71 -0.44 3.15
CA ALA A 237 -15.02 0.85 3.29
C ALA A 237 -15.55 1.93 2.34
N TYR A 238 -15.57 3.15 2.86
CA TYR A 238 -15.78 4.31 2.02
C TYR A 238 -14.61 5.25 2.27
N LEU A 239 -13.98 5.71 1.19
CA LEU A 239 -12.91 6.70 1.25
C LEU A 239 -13.31 7.79 0.30
N GLY A 240 -13.30 9.02 0.78
CA GLY A 240 -13.58 10.13 -0.07
C GLY A 240 -12.65 11.27 0.24
N ASN A 241 -12.57 12.22 -0.67
CA ASN A 241 -11.86 13.45 -0.40
C ASN A 241 -12.48 14.62 -1.12
N SER A 242 -12.24 15.81 -0.56
CA SER A 242 -12.76 17.03 -1.12
C SER A 242 -11.60 17.96 -1.40
N LEU A 243 -11.44 18.32 -2.66
CA LEU A 243 -10.24 18.99 -3.13
C LEU A 243 -10.10 20.39 -2.54
N ASP A 244 -8.84 20.74 -2.29
CA ASP A 244 -8.49 22.08 -1.84
C ASP A 244 -8.76 23.04 -3.01
N SER A 245 -8.95 24.31 -2.70
CA SER A 245 -9.31 25.30 -3.72
C SER A 245 -8.25 25.42 -4.81
N GLU A 246 -6.98 25.21 -4.48
CA GLU A 246 -5.91 25.31 -5.48
C GLU A 246 -6.19 24.37 -6.66
N LEU A 247 -6.63 23.15 -6.36
CA LEU A 247 -7.00 22.19 -7.41
C LEU A 247 -8.43 22.38 -7.93
N ASP A 248 -9.33 22.78 -7.04
CA ASP A 248 -10.72 22.98 -7.42
C ASP A 248 -10.86 24.06 -8.49
N ASP A 249 -10.06 25.11 -8.36
CA ASP A 249 -10.09 26.23 -9.32
C ASP A 249 -9.69 25.82 -10.74
N LYS A 250 -8.97 24.70 -10.89
CA LYS A 250 -8.44 24.25 -12.19
C LYS A 250 -9.48 23.57 -13.05
N LYS A 251 -10.58 23.13 -12.43
CA LYS A 251 -11.73 22.53 -13.15
C LYS A 251 -11.45 21.20 -13.87
N THR A 252 -10.23 20.68 -13.77
CA THR A 252 -9.88 19.41 -14.39
C THR A 252 -9.70 18.31 -13.37
N TYR A 253 -10.07 18.56 -12.12
CA TYR A 253 -9.97 17.58 -11.05
C TYR A 253 -11.33 17.33 -10.46
N ALA A 254 -11.49 16.18 -9.79
CA ALA A 254 -12.75 15.84 -9.14
C ALA A 254 -12.45 15.32 -7.76
N ASN A 255 -13.42 15.51 -6.88
CA ASN A 255 -13.40 14.94 -5.54
C ASN A 255 -13.37 13.44 -5.60
N GLY A 256 -12.65 12.83 -4.69
CA GLY A 256 -12.50 11.37 -4.71
C GLY A 256 -13.62 10.67 -3.98
N ASN A 257 -14.06 9.55 -4.53
CA ASN A 257 -14.97 8.63 -3.83
C ASN A 257 -14.61 7.17 -4.17
N LEU A 258 -14.50 6.33 -3.14
CA LEU A 258 -14.29 4.90 -3.34
C LEU A 258 -15.21 4.13 -2.40
N PHE A 259 -15.94 3.16 -2.94
CA PHE A 259 -16.74 2.25 -2.11
C PHE A 259 -16.19 0.84 -2.36
N ALA A 260 -16.06 0.05 -1.30
CA ALA A 260 -15.52 -1.30 -1.39
C ALA A 260 -16.19 -2.24 -0.43
N LEU A 261 -16.34 -3.49 -0.84
CA LEU A 261 -16.92 -4.52 0.02
C LEU A 261 -16.27 -5.85 -0.33
N LYS A 262 -15.95 -6.64 0.68
CA LYS A 262 -15.36 -7.95 0.49
C LYS A 262 -15.87 -8.90 1.55
N GLY A 263 -16.18 -10.12 1.13
CA GLY A 263 -16.50 -11.22 2.03
C GLY A 263 -15.53 -12.38 1.81
N SER A 264 -15.19 -13.09 2.88
CA SER A 264 -14.34 -14.27 2.74
C SER A 264 -14.76 -15.36 3.70
N ILE A 265 -14.36 -16.57 3.34
CA ILE A 265 -14.73 -17.76 4.07
C ILE A 265 -13.53 -18.69 4.05
N GLU A 266 -13.36 -19.43 5.14
CA GLU A 266 -12.34 -20.45 5.25
C GLU A 266 -12.94 -21.70 5.90
N VAL A 267 -12.70 -22.87 5.30
CA VAL A 267 -13.14 -24.15 5.86
C VAL A 267 -12.32 -25.33 5.31
N ASN A 268 -11.84 -26.19 6.21
CA ASN A 268 -11.19 -27.47 5.84
C ASN A 268 -9.95 -27.30 4.96
N GLY A 269 -9.20 -26.24 5.19
CA GLY A 269 -8.06 -25.94 4.34
C GLY A 269 -8.39 -25.10 3.10
N TRP A 270 -9.68 -24.95 2.77
CA TRP A 270 -10.11 -24.10 1.65
C TRP A 270 -10.31 -22.67 2.12
N ASP A 271 -10.09 -21.72 1.22
CA ASP A 271 -10.50 -20.36 1.47
C ASP A 271 -10.98 -19.74 0.16
N ALA A 272 -11.90 -18.81 0.27
CA ALA A 272 -12.40 -18.09 -0.88
C ALA A 272 -12.75 -16.71 -0.44
N SER A 273 -12.78 -15.78 -1.38
CA SER A 273 -13.24 -14.45 -1.10
C SER A 273 -13.95 -13.87 -2.31
N LEU A 274 -14.83 -12.93 -2.03
CA LEU A 274 -15.62 -12.26 -3.04
C LEU A 274 -15.70 -10.80 -2.65
N GLY A 275 -15.45 -9.91 -3.61
CA GLY A 275 -15.58 -8.50 -3.35
C GLY A 275 -15.72 -7.63 -4.58
N GLY A 276 -15.87 -6.33 -4.33
CA GLY A 276 -16.06 -5.37 -5.38
C GLY A 276 -15.56 -4.00 -4.97
N LEU A 277 -15.32 -3.15 -5.96
CA LEU A 277 -15.09 -1.75 -5.69
C LEU A 277 -15.48 -0.80 -6.84
N TYR A 278 -15.72 0.44 -6.44
CA TYR A 278 -16.26 1.47 -7.29
C TYR A 278 -15.51 2.74 -6.90
N TYR A 279 -14.86 3.37 -7.86
CA TYR A 279 -14.08 4.58 -7.55
C TYR A 279 -13.76 5.34 -8.83
N GLY A 280 -13.41 6.62 -8.69
CA GLY A 280 -12.98 7.45 -9.81
C GLY A 280 -14.08 8.26 -10.46
N ASP A 281 -13.66 9.11 -11.41
CA ASP A 281 -14.52 10.01 -12.14
C ASP A 281 -14.28 9.82 -13.64
N LYS A 282 -15.38 9.85 -14.40
CA LYS A 282 -15.36 9.68 -15.85
C LYS A 282 -14.39 10.59 -16.57
N GLU A 283 -14.38 11.86 -16.17
CA GLU A 283 -13.76 12.88 -17.01
C GLU A 283 -12.62 13.66 -16.37
N LYS A 284 -12.54 13.63 -15.03
CA LYS A 284 -11.63 14.48 -14.29
C LYS A 284 -10.65 13.62 -13.50
N ALA A 285 -9.44 14.13 -13.27
CA ALA A 285 -8.46 13.41 -12.45
C ALA A 285 -8.88 13.42 -10.97
N SER A 286 -8.82 12.25 -10.33
CA SER A 286 -9.10 12.10 -8.90
C SER A 286 -8.08 11.17 -8.26
N THR A 287 -8.08 11.13 -6.93
CA THR A 287 -7.32 10.13 -6.18
C THR A 287 -8.10 9.52 -5.04
N VAL A 288 -7.70 8.32 -4.66
CA VAL A 288 -8.22 7.65 -3.47
C VAL A 288 -7.21 7.77 -2.34
N VAL A 289 -5.96 7.42 -2.61
CA VAL A 289 -4.93 7.41 -1.57
C VAL A 289 -3.84 8.45 -1.82
N ILE A 290 -2.89 8.56 -0.87
N ILE A 290 -2.89 8.54 -0.90
CA ILE A 290 -1.75 9.47 -0.96
CA ILE A 290 -1.78 9.48 -0.96
C ILE A 290 -0.56 8.77 -1.62
C ILE A 290 -0.54 8.79 -1.57
N GLU A 291 -0.36 7.50 -1.24
CA GLU A 291 0.80 6.72 -1.69
C GLU A 291 0.48 5.26 -2.03
N ASP A 292 0.82 4.85 -3.25
CA ASP A 292 0.66 3.48 -3.78
C ASP A 292 -0.81 3.01 -3.76
N GLN A 293 -1.19 2.11 -2.85
CA GLN A 293 -2.59 1.64 -2.72
C GLN A 293 -3.12 1.86 -1.33
N GLY A 294 -2.43 2.72 -0.57
CA GLY A 294 -2.84 3.01 0.79
C GLY A 294 -2.75 1.73 1.59
N ASN A 295 -3.61 1.61 2.59
CA ASN A 295 -3.69 0.40 3.38
C ASN A 295 -4.90 -0.42 2.96
N LEU A 296 -5.18 -0.41 1.66
CA LEU A 296 -6.40 -0.99 1.10
C LEU A 296 -6.24 -2.42 0.60
N GLY A 297 -5.06 -3.01 0.86
CA GLY A 297 -4.71 -4.33 0.32
C GLY A 297 -5.75 -5.40 0.61
N SER A 298 -6.38 -5.34 1.78
CA SER A 298 -7.40 -6.34 2.15
C SER A 298 -8.69 -6.21 1.33
N LEU A 299 -8.81 -5.14 0.53
CA LEU A 299 -10.02 -4.84 -0.22
C LEU A 299 -9.75 -4.86 -1.71
N LEU A 300 -8.56 -5.34 -2.09
CA LEU A 300 -8.22 -5.48 -3.49
C LEU A 300 -7.82 -6.91 -3.75
N ALA A 301 -7.62 -7.21 -5.02
CA ALA A 301 -7.19 -8.54 -5.43
C ALA A 301 -6.33 -8.37 -6.68
N GLY A 302 -5.81 -9.46 -7.21
CA GLY A 302 -4.94 -9.40 -8.34
C GLY A 302 -3.57 -8.84 -7.93
N GLU A 303 -2.82 -8.37 -8.91
CA GLU A 303 -1.49 -7.85 -8.66
C GLU A 303 -1.26 -6.57 -9.48
N GLU A 304 -1.56 -6.63 -10.77
CA GLU A 304 -1.24 -5.56 -11.72
C GLU A 304 -2.44 -4.75 -12.20
N ILE A 305 -3.66 -5.26 -12.07
CA ILE A 305 -4.82 -4.63 -12.73
C ILE A 305 -5.14 -3.23 -12.24
N PHE A 306 -4.91 -3.00 -10.96
CA PHE A 306 -5.21 -1.69 -10.41
C PHE A 306 -4.03 -0.75 -10.62
N TYR A 307 -3.01 -1.19 -11.35
CA TYR A 307 -1.96 -0.31 -11.82
C TYR A 307 -2.14 0.15 -13.28
N THR A 308 -3.16 -0.36 -13.96
CA THR A 308 -3.36 -0.04 -15.34
C THR A 308 -3.77 1.41 -15.42
N THR A 309 -3.45 2.03 -16.54
CA THR A 309 -3.76 3.43 -16.73
C THR A 309 -5.28 3.57 -16.69
N GLY A 310 -5.75 4.54 -15.90
CA GLY A 310 -7.15 4.75 -15.67
C GLY A 310 -7.63 4.16 -14.37
N SER A 311 -6.90 3.20 -13.82
CA SER A 311 -7.36 2.48 -12.65
C SER A 311 -6.49 2.67 -11.41
N ARG A 312 -5.48 3.53 -11.46
CA ARG A 312 -4.62 3.65 -10.30
C ARG A 312 -5.34 4.41 -9.18
N LEU A 313 -5.06 4.00 -7.95
CA LEU A 313 -5.69 4.53 -6.75
C LEU A 313 -4.98 5.78 -6.21
N ASN A 314 -3.83 6.12 -6.80
CA ASN A 314 -3.06 7.30 -6.40
C ASN A 314 -2.97 8.37 -7.50
N GLY A 315 -4.05 8.53 -8.26
CA GLY A 315 -4.17 9.58 -9.28
C GLY A 315 -4.41 9.00 -10.64
N ASP A 316 -5.60 9.23 -11.18
CA ASP A 316 -5.96 8.80 -12.54
C ASP A 316 -7.31 9.40 -12.95
N THR A 317 -7.63 9.32 -14.24
CA THR A 317 -8.93 9.71 -14.75
C THR A 317 -9.66 8.45 -15.16
N GLY A 318 -10.93 8.34 -14.83
CA GLY A 318 -11.72 7.20 -15.22
C GLY A 318 -12.53 6.67 -14.04
N ARG A 319 -13.74 6.22 -14.34
CA ARG A 319 -14.61 5.65 -13.34
C ARG A 319 -14.47 4.14 -13.41
N ASN A 320 -14.11 3.55 -12.28
CA ASN A 320 -13.78 2.15 -12.23
C ASN A 320 -14.79 1.37 -11.45
N ILE A 321 -15.19 0.23 -12.02
CA ILE A 321 -15.99 -0.74 -11.31
C ILE A 321 -15.33 -2.10 -11.46
N PHE A 322 -15.06 -2.77 -10.35
CA PHE A 322 -14.43 -4.09 -10.40
C PHE A 322 -15.08 -5.05 -9.40
N GLY A 323 -15.19 -6.30 -9.84
CA GLY A 323 -15.51 -7.41 -8.94
C GLY A 323 -14.39 -8.42 -8.97
N TYR A 324 -14.30 -9.27 -7.95
CA TYR A 324 -13.26 -10.31 -7.96
C TYR A 324 -13.65 -11.47 -7.09
N VAL A 325 -13.00 -12.59 -7.36
CA VAL A 325 -13.13 -13.76 -6.55
C VAL A 325 -11.73 -14.33 -6.38
N THR A 326 -11.48 -14.88 -5.20
CA THR A 326 -10.20 -15.52 -4.93
C THR A 326 -10.49 -16.84 -4.27
N GLY A 327 -9.58 -17.78 -4.45
CA GLY A 327 -9.75 -19.06 -3.78
C GLY A 327 -8.44 -19.80 -3.71
N GLY A 328 -8.34 -20.69 -2.75
CA GLY A 328 -7.18 -21.54 -2.70
C GLY A 328 -7.35 -22.67 -1.72
N TYR A 329 -6.41 -23.60 -1.78
CA TYR A 329 -6.30 -24.71 -0.83
C TYR A 329 -4.91 -24.67 -0.21
N THR A 330 -4.88 -24.85 1.10
CA THR A 330 -3.68 -24.92 1.88
C THR A 330 -3.42 -26.37 2.29
N PHE A 331 -2.34 -26.95 1.77
CA PHE A 331 -1.89 -28.29 2.19
C PHE A 331 -1.10 -28.16 3.49
N ASN A 332 -1.55 -28.87 4.54
CA ASN A 332 -0.75 -29.06 5.75
C ASN A 332 -0.42 -27.79 6.53
N GLU A 333 -1.26 -26.79 6.37
CA GLU A 333 -1.03 -25.44 6.88
C GLU A 333 0.32 -24.90 6.43
N THR A 334 0.87 -25.42 5.34
CA THR A 334 2.23 -25.08 4.89
C THR A 334 2.28 -24.43 3.49
N VAL A 335 1.61 -25.03 2.50
CA VAL A 335 1.69 -24.58 1.13
C VAL A 335 0.30 -24.27 0.66
N ARG A 336 0.03 -23.03 0.29
CA ARG A 336 -1.25 -22.65 -0.30
C ARG A 336 -1.08 -22.43 -1.81
N VAL A 337 -1.88 -23.14 -2.59
CA VAL A 337 -1.99 -22.93 -4.02
C VAL A 337 -3.35 -22.27 -4.25
N GLY A 338 -3.36 -21.21 -5.06
CA GLY A 338 -4.57 -20.44 -5.21
C GLY A 338 -4.61 -19.58 -6.45
N ALA A 339 -5.71 -18.85 -6.56
CA ALA A 339 -5.93 -17.98 -7.71
C ALA A 339 -6.85 -16.80 -7.39
N ASP A 340 -6.67 -15.75 -8.19
CA ASP A 340 -7.46 -14.52 -8.19
C ASP A 340 -8.02 -14.31 -9.59
N PHE A 341 -9.28 -13.89 -9.67
CA PHE A 341 -9.85 -13.43 -10.91
C PHE A 341 -10.51 -12.07 -10.64
N VAL A 342 -10.11 -11.07 -11.41
CA VAL A 342 -10.60 -9.70 -11.25
C VAL A 342 -11.14 -9.27 -12.61
N TYR A 343 -12.31 -8.67 -12.60
CA TYR A 343 -12.97 -8.32 -13.81
C TYR A 343 -13.69 -7.03 -13.61
N GLY A 344 -13.58 -6.16 -14.61
CA GLY A 344 -14.35 -4.93 -14.57
C GLY A 344 -13.96 -4.04 -15.70
N GLY A 345 -13.98 -2.75 -15.43
CA GLY A 345 -13.66 -1.80 -16.46
C GLY A 345 -13.64 -0.39 -15.97
N THR A 346 -13.24 0.49 -16.87
CA THR A 346 -13.04 1.87 -16.57
C THR A 346 -13.85 2.65 -17.61
N LYS A 347 -14.66 3.58 -17.13
CA LYS A 347 -15.45 4.44 -18.01
C LYS A 347 -14.80 5.81 -18.06
N THR A 348 -14.59 6.27 -19.29
CA THR A 348 -13.92 7.52 -19.59
C THR A 348 -14.81 8.36 -20.48
N GLU A 349 -14.80 9.67 -20.27
CA GLU A 349 -15.55 10.59 -21.12
C GLU A 349 -14.69 11.16 -22.25
N ALA A 350 -13.37 11.14 -22.08
CA ALA A 350 -12.48 11.57 -23.17
C ALA A 350 -12.81 10.83 -24.49
N THR A 351 -12.80 11.57 -25.60
CA THR A 351 -12.99 11.02 -26.95
C THR A 351 -11.96 9.91 -27.29
N THR A 352 -10.75 10.02 -26.75
CA THR A 352 -9.74 8.97 -26.85
C THR A 352 -10.13 7.74 -26.01
N HIS A 353 -10.87 7.98 -24.93
CA HIS A 353 -11.18 6.94 -23.94
C HIS A 353 -9.91 6.28 -23.43
N LEU A 354 -8.82 7.06 -23.37
CA LEU A 354 -7.50 6.54 -22.98
C LEU A 354 -7.56 5.97 -21.55
N GLY A 355 -7.20 4.70 -21.41
CA GLY A 355 -7.30 3.97 -20.16
C GLY A 355 -8.64 3.30 -19.95
N GLY A 356 -9.59 3.56 -20.83
CA GLY A 356 -10.96 3.07 -20.69
C GLY A 356 -11.11 1.62 -21.11
N GLY A 357 -12.33 1.10 -21.02
CA GLY A 357 -12.65 -0.23 -21.49
C GLY A 357 -12.64 -1.30 -20.42
N LYS A 358 -13.04 -2.49 -20.82
CA LYS A 358 -13.09 -3.64 -19.92
C LYS A 358 -11.68 -4.17 -19.63
N LYS A 359 -11.48 -4.65 -18.42
CA LYS A 359 -10.16 -5.11 -17.98
C LYS A 359 -10.31 -6.36 -17.16
N LEU A 360 -9.34 -7.24 -17.27
CA LEU A 360 -9.40 -8.54 -16.62
C LEU A 360 -8.01 -8.94 -16.12
N GLU A 361 -7.94 -9.59 -14.95
CA GLU A 361 -6.72 -10.17 -14.46
C GLU A 361 -6.95 -11.52 -13.83
N ALA A 362 -6.11 -12.49 -14.23
CA ALA A 362 -6.06 -13.79 -13.60
C ALA A 362 -4.68 -13.90 -12.99
N VAL A 363 -4.62 -14.44 -11.77
CA VAL A 363 -3.35 -14.65 -11.09
C VAL A 363 -3.34 -16.03 -10.50
N ALA A 364 -2.31 -16.80 -10.84
CA ALA A 364 -2.00 -18.08 -10.19
C ALA A 364 -0.97 -17.83 -9.08
N ARG A 365 -1.19 -18.44 -7.91
CA ARG A 365 -0.41 -18.20 -6.71
C ARG A 365 0.05 -19.47 -6.04
N VAL A 366 1.27 -19.42 -5.51
CA VAL A 366 1.78 -20.38 -4.55
C VAL A 366 2.43 -19.61 -3.40
N ASP A 367 2.10 -20.00 -2.16
CA ASP A 367 2.69 -19.43 -0.97
C ASP A 367 3.14 -20.60 -0.06
N TYR A 368 4.40 -20.60 0.32
CA TYR A 368 5.02 -21.67 1.08
C TYR A 368 5.57 -21.08 2.35
N LYS A 369 4.96 -21.46 3.47
CA LYS A 369 5.39 -21.04 4.79
C LYS A 369 6.37 -22.08 5.28
N TYR A 370 7.65 -21.79 5.03
CA TYR A 370 8.72 -22.71 5.37
C TYR A 370 8.95 -22.74 6.88
N SER A 371 8.92 -21.57 7.52
CA SER A 371 8.95 -21.49 8.98
C SER A 371 8.04 -20.31 9.35
N PRO A 372 7.81 -20.05 10.65
CA PRO A 372 7.02 -18.84 10.98
C PRO A 372 7.64 -17.50 10.46
N LYS A 373 8.96 -17.49 10.25
CA LYS A 373 9.69 -16.29 9.87
C LYS A 373 10.05 -16.21 8.40
N LEU A 374 10.09 -17.36 7.71
CA LEU A 374 10.58 -17.44 6.32
C LEU A 374 9.49 -17.99 5.39
N ASN A 375 9.11 -17.15 4.43
CA ASN A 375 8.02 -17.45 3.54
C ASN A 375 8.50 -17.31 2.11
N PHE A 376 8.22 -18.32 1.29
CA PHE A 376 8.49 -18.26 -0.13
C PHE A 376 7.17 -18.15 -0.90
N SER A 377 7.20 -17.41 -2.01
CA SER A 377 5.98 -17.20 -2.72
C SER A 377 6.24 -16.88 -4.17
N ALA A 378 5.18 -17.01 -4.96
CA ALA A 378 5.28 -16.87 -6.38
C ALA A 378 3.93 -16.52 -6.93
N PHE A 379 3.92 -15.76 -8.01
CA PHE A 379 2.68 -15.54 -8.72
C PHE A 379 2.94 -15.42 -10.22
N TYR A 380 1.92 -15.77 -10.99
CA TYR A 380 1.88 -15.51 -12.40
C TYR A 380 0.59 -14.74 -12.65
N SER A 381 0.71 -13.51 -13.10
CA SER A 381 -0.39 -12.59 -13.34
C SER A 381 -0.55 -12.39 -14.84
N TYR A 382 -1.79 -12.46 -15.31
CA TYR A 382 -2.13 -12.18 -16.71
C TYR A 382 -3.18 -11.08 -16.69
N VAL A 383 -2.86 -9.96 -17.30
CA VAL A 383 -3.79 -8.88 -17.41
C VAL A 383 -4.15 -8.66 -18.87
N ASN A 384 -5.44 -8.47 -19.14
CA ASN A 384 -5.95 -8.26 -20.50
C ASN A 384 -6.76 -6.98 -20.52
N LEU A 385 -6.36 -6.04 -21.39
CA LEU A 385 -7.18 -4.87 -21.68
C LEU A 385 -7.98 -5.18 -22.91
N ASP A 386 -9.28 -4.90 -22.87
CA ASP A 386 -10.10 -5.07 -24.06
C ASP A 386 -9.79 -3.93 -25.06
N GLN A 387 -9.32 -2.79 -24.55
CA GLN A 387 -8.97 -1.64 -25.41
C GLN A 387 -7.56 -1.15 -25.11
N GLY A 388 -6.65 -1.38 -26.05
CA GLY A 388 -5.25 -0.95 -25.93
C GLY A 388 -4.96 0.39 -26.60
N VAL A 389 -3.69 0.60 -26.98
CA VAL A 389 -3.18 1.86 -27.48
C VAL A 389 -3.95 2.18 -28.74
N ASN A 390 -4.02 1.18 -29.61
CA ASN A 390 -5.07 1.07 -30.60
C ASN A 390 -6.32 0.50 -29.92
N THR A 391 -7.35 1.34 -29.72
CA THR A 391 -8.49 0.97 -28.89
C THR A 391 -9.40 -0.13 -29.44
N ASN A 392 -9.33 -0.43 -30.73
CA ASN A 392 -10.15 -1.50 -31.30
C ASN A 392 -9.42 -2.85 -31.30
N GLU A 393 -8.33 -2.95 -30.54
CA GLU A 393 -7.58 -4.19 -30.37
C GLU A 393 -7.30 -4.39 -28.88
N SER A 394 -7.29 -5.64 -28.45
CA SER A 394 -7.00 -5.95 -27.05
C SER A 394 -5.49 -5.88 -26.79
N ALA A 395 -5.10 -6.08 -25.53
CA ALA A 395 -3.69 -6.03 -25.15
C ALA A 395 -3.42 -6.83 -23.88
N ASP A 396 -2.31 -7.53 -23.87
CA ASP A 396 -1.91 -8.41 -22.76
C ASP A 396 -0.65 -7.89 -22.03
N HIS A 397 -0.58 -8.18 -20.74
CA HIS A 397 0.55 -7.92 -19.90
C HIS A 397 0.64 -9.08 -18.89
N SER A 398 1.79 -9.73 -18.85
CA SER A 398 2.03 -10.82 -17.94
C SER A 398 3.18 -10.47 -17.00
N THR A 399 3.09 -10.91 -15.75
CA THR A 399 4.05 -10.61 -14.73
C THR A 399 4.31 -11.89 -13.90
N VAL A 400 5.57 -12.26 -13.75
CA VAL A 400 5.98 -13.35 -12.89
C VAL A 400 6.91 -12.84 -11.80
N ARG A 401 6.60 -13.26 -10.57
CA ARG A 401 7.38 -12.96 -9.40
C ARG A 401 7.67 -14.22 -8.66
N LEU A 402 8.94 -14.42 -8.30
CA LEU A 402 9.37 -15.35 -7.25
C LEU A 402 9.89 -14.48 -6.10
N GLN A 403 9.49 -14.80 -4.88
CA GLN A 403 9.85 -14.00 -3.71
C GLN A 403 10.27 -14.88 -2.55
N ALA A 404 11.29 -14.44 -1.81
CA ALA A 404 11.64 -15.01 -0.52
C ALA A 404 11.55 -13.86 0.49
N LEU A 405 10.91 -14.12 1.64
CA LEU A 405 10.61 -13.10 2.62
C LEU A 405 10.93 -13.61 4.02
N TYR A 406 11.87 -12.92 4.67
CA TYR A 406 12.27 -13.28 6.03
C TYR A 406 11.95 -12.11 6.95
N LYS A 407 11.23 -12.38 8.03
CA LYS A 407 10.89 -11.37 9.06
C LYS A 407 11.38 -11.80 10.45
N PHE A 408 11.94 -10.85 11.22
CA PHE A 408 12.44 -11.14 12.58
C PHE A 408 12.24 -9.96 13.54
#